data_4C8N
#
_entry.id   4C8N
#
_cell.length_a   65.617
_cell.length_b   101.096
_cell.length_c   204.316
_cell.angle_alpha   90.00
_cell.angle_beta   90.00
_cell.angle_gamma   90.00
#
_symmetry.space_group_name_H-M   'C 2 2 21'
#
loop_
_entity.id
_entity.type
_entity.pdbx_description
1 polymer 'LARGE FRAGMENT OF TAQ DNA POLYMERASE I'
2 polymer "PRIMER, 5'-D(*AP*CP*CP*AP*CP*GP*GP*CP*GP*CP*LHOP)-3'"
3 polymer "TEMPLATE, 5'-D(*TP*TP*GP*BMNP*GP*CP*GP*CP*CP*GP*TP*GP*GP*TP)-3'"
4 non-polymer 'SULFATE ION'
5 non-polymer 'TRIETHYLENE GLYCOL'
6 water water
#
loop_
_entity_poly.entity_id
_entity_poly.type
_entity_poly.pdbx_seq_one_letter_code
_entity_poly.pdbx_strand_id
1 'polypeptide(L)'
;ALEEAPWPPPEGAFVGFVLSRKEPMWADLLALAAARGGRVHRAPEPYKALRDLKEARGLLAKDLSVLALREGLGLPPGDD
PMLLAYLLDPSNTTPEGVARRYGGEWTEEAGERAALSERLFANLWGRLEGEERLLWLYREVERPLSAVLAHMEATGVRLD
VAYLRALSLEVAEEIARLEAEVFRLAGHPFNLNSRDQLERVLFDELGLPAIGKTEKTGKRSTSAAVLEALREAHPIVEKI
LQYRELTKLKSTYIDPLPDLIHPRTGRLHTRFNQTATATGRLSSSDPNLQNIPVRTPLGQRIRRAFIAEEGWLLVALDYS
QIELRVLAHLSGDENLIRVFQEGRDIHTETASWMFGVPREAVDPLMRRAAKTINFGVLYGMSAHRLSQELAIPYEEAQAF
IERYFQSFPKVRAWIEKTLEEGRRRGYVETLFGRRRYVPDLEARVKSVREAAERMAFNMPVQGTAADLMKLAMVKLFPRL
EEMGARMLLQVHDELVLEAPKERAEAVARLAKEVMEGVYPLAVPLEVEVGIGEDWLSAKE
;
A
2 'polydeoxyribonucleotide' (DA)(DC)(DC)(DA)(DC)(DG)(DG)(DC)(DG)(DC)(LHO) B
3 'polydeoxyribonucleotide' (DT)(DT)(DG)(BMN)(DG)(DC)(DG)(DC)(DC)(DG)(DT)(DG)(DG)(DT) C
#
loop_
_chem_comp.id
_chem_comp.type
_chem_comp.name
_chem_comp.formula
BMN DNA linking (1R)-1,4-anhydro-2-deoxy-1-(3-methoxynaphthalen-2-yl)-5-O-phosphono-D-erythro-pentitol 'C16 H19 O7 P'
DA DNA linking 2'-DEOXYADENOSINE-5'-MONOPHOSPHATE 'C10 H14 N5 O6 P'
DC DNA linking 2'-DEOXYCYTIDINE-5'-MONOPHOSPHATE 'C9 H14 N3 O7 P'
DG DNA linking 2'-DEOXYGUANOSINE-5'-MONOPHOSPHATE 'C10 H14 N5 O7 P'
DT DNA linking THYMIDINE-5'-MONOPHOSPHATE 'C10 H15 N2 O8 P'
LHO DNA linking 2-(2-deoxy-5-O-phosphono-beta-D-erythro-pentofuranosyl)-6-methylisoquinoline-1(2H)-thione 'C15 H18 N O6 P S'
PGE non-polymer 'TRIETHYLENE GLYCOL' 'C6 H14 O4'
SO4 non-polymer 'SULFATE ION' 'O4 S -2'
#
# COMPACT_ATOMS: atom_id res chain seq x y z
N ALA A 1 -22.39 32.10 8.48
CA ALA A 1 -22.63 33.53 8.29
C ALA A 1 -23.20 34.17 9.55
N LEU A 2 -24.35 33.69 10.01
CA LEU A 2 -24.93 34.23 11.24
C LEU A 2 -24.04 33.80 12.41
N GLU A 3 -24.34 34.35 13.58
CA GLU A 3 -23.34 34.52 14.63
C GLU A 3 -22.52 33.29 15.00
N GLU A 4 -21.22 33.53 15.09
CA GLU A 4 -20.26 32.63 15.69
C GLU A 4 -20.52 32.55 17.19
N ALA A 5 -20.84 31.35 17.68
CA ALA A 5 -21.04 31.14 19.11
C ALA A 5 -19.71 30.93 19.81
N PRO A 6 -19.69 31.05 21.14
CA PRO A 6 -18.44 30.80 21.86
C PRO A 6 -18.20 29.32 22.09
N TRP A 7 -16.94 28.96 22.37
CA TRP A 7 -16.58 27.60 22.72
C TRP A 7 -17.23 27.28 24.07
N PRO A 8 -17.59 26.00 24.31
CA PRO A 8 -17.56 24.80 23.47
C PRO A 8 -18.79 24.57 22.60
N PRO A 9 -18.66 23.69 21.59
CA PRO A 9 -19.77 23.36 20.71
C PRO A 9 -20.76 22.40 21.35
N PRO A 10 -22.01 22.38 20.84
CA PRO A 10 -22.91 21.30 21.24
C PRO A 10 -22.38 19.95 20.76
N GLU A 11 -22.76 18.90 21.48
CA GLU A 11 -22.37 17.54 21.16
C GLU A 11 -22.73 17.19 19.71
N GLY A 12 -21.75 16.68 18.96
CA GLY A 12 -21.98 16.24 17.60
C GLY A 12 -21.54 17.22 16.53
N ALA A 13 -20.86 18.28 16.92
CA ALA A 13 -20.30 19.23 15.96
C ALA A 13 -19.22 18.55 15.12
N PHE A 14 -19.00 19.08 13.92
CA PHE A 14 -17.86 18.73 13.09
C PHE A 14 -16.68 19.62 13.45
N VAL A 15 -15.46 19.07 13.41
CA VAL A 15 -14.26 19.87 13.68
C VAL A 15 -13.53 20.31 12.42
N GLY A 16 -12.83 21.42 12.57
CA GLY A 16 -11.90 21.91 11.59
C GLY A 16 -10.68 22.28 12.40
N PHE A 17 -9.49 22.05 11.85
CA PHE A 17 -8.26 22.31 12.59
C PHE A 17 -7.14 22.61 11.62
N VAL A 18 -6.21 23.45 12.09
CA VAL A 18 -5.02 23.80 11.32
C VAL A 18 -3.77 23.34 12.06
N LEU A 19 -2.91 22.60 11.36
CA LEU A 19 -1.66 22.10 11.91
C LEU A 19 -0.50 22.93 11.40
N SER A 20 0.58 22.99 12.17
CA SER A 20 1.78 23.69 11.74
C SER A 20 2.45 22.97 10.57
N ARG A 21 2.20 21.66 10.46
CA ARG A 21 2.73 20.84 9.37
C ARG A 21 1.83 19.63 9.18
N LYS A 22 1.88 19.02 8.00
CA LYS A 22 0.92 18.00 7.61
C LYS A 22 0.97 16.71 8.46
N GLU A 23 2.13 16.40 9.04
CA GLU A 23 2.25 15.17 9.82
C GLU A 23 1.83 15.39 11.28
N PRO A 24 0.68 14.83 11.69
CA PRO A 24 0.13 15.14 13.02
C PRO A 24 1.04 14.79 14.21
N MET A 25 1.80 13.69 14.14
CA MET A 25 2.68 13.36 15.26
C MET A 25 3.72 14.45 15.51
N TRP A 26 4.04 15.21 14.47
CA TRP A 26 5.12 16.20 14.53
C TRP A 26 4.58 17.62 14.56
N ALA A 27 3.26 17.78 14.43
CA ALA A 27 2.68 19.10 14.24
C ALA A 27 2.29 19.77 15.54
N ASP A 28 2.26 21.09 15.50
CA ASP A 28 1.55 21.81 16.54
C ASP A 28 0.17 22.19 16.06
N LEU A 29 -0.79 22.03 16.95
CA LEU A 29 -2.16 22.41 16.69
C LEU A 29 -2.31 23.92 16.82
N LEU A 30 -2.38 24.61 15.69
CA LEU A 30 -2.41 26.07 15.68
C LEU A 30 -3.80 26.62 15.93
N ALA A 31 -4.82 25.89 15.53
CA ALA A 31 -6.18 26.39 15.64
C ALA A 31 -7.18 25.26 15.57
N LEU A 32 -8.25 25.38 16.35
CA LEU A 32 -9.32 24.41 16.39
C LEU A 32 -10.64 25.14 16.34
N ALA A 33 -11.60 24.57 15.61
CA ALA A 33 -12.94 25.13 15.52
C ALA A 33 -13.96 24.02 15.32
N ALA A 34 -15.22 24.30 15.64
CA ALA A 34 -16.28 23.34 15.40
C ALA A 34 -17.48 24.02 14.77
N ALA A 35 -18.24 23.27 13.97
CA ALA A 35 -19.43 23.80 13.32
C ALA A 35 -20.59 22.85 13.54
N ARG A 36 -21.74 23.43 13.84
CA ARG A 36 -22.97 22.67 13.91
C ARG A 36 -24.09 23.57 13.43
N GLY A 37 -24.93 23.04 12.54
CA GLY A 37 -26.03 23.79 11.98
C GLY A 37 -25.55 25.06 11.32
N GLY A 38 -24.30 25.02 10.84
CA GLY A 38 -23.73 26.16 10.14
C GLY A 38 -23.12 27.23 11.04
N ARG A 39 -23.27 27.12 12.35
CA ARG A 39 -22.67 28.14 13.23
C ARG A 39 -21.34 27.65 13.82
N VAL A 40 -20.34 28.51 13.79
CA VAL A 40 -18.97 28.14 14.14
C VAL A 40 -18.58 28.53 15.56
N HIS A 41 -17.90 27.60 16.23
CA HIS A 41 -17.34 27.83 17.55
C HIS A 41 -15.81 27.76 17.44
N ARG A 42 -15.13 28.86 17.76
CA ARG A 42 -13.67 28.92 17.66
C ARG A 42 -13.03 28.77 19.03
N ALA A 43 -12.02 27.92 19.12
CA ALA A 43 -11.45 27.57 20.42
C ALA A 43 -10.44 28.64 20.88
N PRO A 44 -10.53 29.07 22.15
CA PRO A 44 -9.50 29.99 22.67
C PRO A 44 -8.11 29.37 22.73
N GLU A 45 -7.94 28.31 23.53
CA GLU A 45 -6.72 27.49 23.49
C GLU A 45 -7.05 26.12 22.89
N PRO A 46 -6.49 25.81 21.70
CA PRO A 46 -6.86 24.52 21.05
C PRO A 46 -6.56 23.24 21.83
N TYR A 47 -5.41 23.10 22.50
CA TYR A 47 -5.11 21.83 23.15
C TYR A 47 -6.09 21.48 24.27
N LYS A 48 -6.43 22.48 25.08
CA LYS A 48 -7.41 22.26 26.16
C LYS A 48 -8.79 21.97 25.59
N ALA A 49 -9.09 22.59 24.47
CA ALA A 49 -10.41 22.46 23.87
C ALA A 49 -10.68 21.03 23.37
N LEU A 50 -9.61 20.30 23.04
CA LEU A 50 -9.75 18.91 22.61
C LEU A 50 -10.46 18.09 23.66
N ARG A 51 -10.28 18.46 24.92
CA ARG A 51 -10.92 17.74 26.03
C ARG A 51 -12.44 17.85 25.97
N ASP A 52 -12.95 18.89 25.31
CA ASP A 52 -14.38 19.15 25.26
C ASP A 52 -15.10 18.28 24.22
N LEU A 53 -14.33 17.61 23.37
CA LEU A 53 -14.90 16.80 22.30
C LEU A 53 -14.95 15.32 22.70
N LYS A 54 -15.95 14.61 22.20
CA LYS A 54 -16.07 13.18 22.45
C LYS A 54 -15.66 12.38 21.21
N GLU A 55 -15.65 13.05 20.07
CA GLU A 55 -15.37 12.42 18.79
C GLU A 55 -14.87 13.51 17.86
N ALA A 56 -13.92 13.16 16.99
CA ALA A 56 -13.53 14.05 15.91
C ALA A 56 -14.31 13.67 14.64
N ARG A 57 -15.30 14.48 14.30
CA ARG A 57 -16.01 14.32 13.04
C ARG A 57 -15.58 15.44 12.11
N GLY A 58 -15.16 15.10 10.91
CA GLY A 58 -14.78 16.10 9.94
C GLY A 58 -13.69 15.65 9.02
N LEU A 59 -13.30 16.54 8.11
CA LEU A 59 -12.24 16.26 7.18
C LEU A 59 -10.96 15.98 7.94
N LEU A 60 -10.33 14.86 7.58
CA LEU A 60 -9.07 14.45 8.19
C LEU A 60 -9.21 14.18 9.68
N ALA A 61 -10.37 13.68 10.06
CA ALA A 61 -10.64 13.33 11.45
C ALA A 61 -9.52 12.51 12.09
N LYS A 62 -9.07 11.48 11.38
CA LYS A 62 -8.03 10.60 11.87
C LYS A 62 -6.78 11.37 12.28
N ASP A 63 -6.43 12.37 11.49
CA ASP A 63 -5.23 13.15 11.75
C ASP A 63 -5.34 13.95 13.06
N LEU A 64 -6.49 14.58 13.31
CA LEU A 64 -6.68 15.22 14.62
C LEU A 64 -6.60 14.18 15.74
N SER A 65 -7.10 12.98 15.48
CA SER A 65 -7.16 11.94 16.50
C SER A 65 -5.78 11.43 16.88
N VAL A 66 -4.87 11.40 15.91
CA VAL A 66 -3.49 10.98 16.17
C VAL A 66 -2.84 12.00 17.11
N LEU A 67 -2.95 13.27 16.76
CA LEU A 67 -2.40 14.33 17.58
C LEU A 67 -3.01 14.30 18.99
N ALA A 68 -4.32 14.05 19.06
CA ALA A 68 -4.98 13.92 20.35
C ALA A 68 -4.40 12.77 21.16
N LEU A 69 -4.13 11.65 20.50
CA LEU A 69 -3.54 10.49 21.17
C LEU A 69 -2.13 10.82 21.67
N ARG A 70 -1.43 11.67 20.92
CA ARG A 70 -0.08 12.06 21.28
C ARG A 70 -0.07 12.77 22.62
N GLU A 71 -1.16 13.51 22.87
CA GLU A 71 -1.34 14.32 24.06
C GLU A 71 -2.06 13.58 25.18
N GLY A 72 -2.26 12.27 25.02
CA GLY A 72 -2.93 11.49 26.05
C GLY A 72 -4.44 11.70 26.12
N LEU A 73 -5.03 12.24 25.07
CA LEU A 73 -6.49 12.39 24.99
C LEU A 73 -7.08 11.35 24.03
N GLY A 74 -8.02 10.55 24.54
CA GLY A 74 -8.68 9.56 23.72
C GLY A 74 -9.77 10.22 22.91
N LEU A 75 -9.46 10.62 21.69
CA LEU A 75 -10.41 11.29 20.82
C LEU A 75 -10.60 10.50 19.51
N PRO A 76 -11.56 9.55 19.51
CA PRO A 76 -11.74 8.68 18.32
C PRO A 76 -12.21 9.43 17.08
N PRO A 77 -11.70 9.06 15.90
CA PRO A 77 -12.26 9.71 14.72
C PRO A 77 -13.63 9.10 14.45
N GLY A 78 -14.51 9.87 13.82
CA GLY A 78 -15.83 9.39 13.47
C GLY A 78 -16.11 9.70 12.02
N ASP A 79 -17.26 10.29 11.77
CA ASP A 79 -17.64 10.65 10.43
C ASP A 79 -16.63 11.60 9.79
N ASP A 80 -16.33 11.32 8.52
CA ASP A 80 -15.34 12.06 7.76
C ASP A 80 -15.75 12.02 6.30
N PRO A 81 -16.08 13.18 5.71
CA PRO A 81 -16.54 13.12 4.32
C PRO A 81 -15.47 12.71 3.33
N MET A 82 -14.17 12.72 3.68
CA MET A 82 -13.15 12.14 2.82
C MET A 82 -13.44 10.68 2.50
N LEU A 83 -13.88 9.97 3.53
CA LEU A 83 -14.17 8.57 3.41
C LEU A 83 -15.34 8.36 2.47
N LEU A 84 -16.35 9.23 2.56
CA LEU A 84 -17.51 9.16 1.70
C LEU A 84 -17.12 9.44 0.25
N ALA A 85 -16.28 10.46 0.06
CA ALA A 85 -15.87 10.88 -1.27
C ALA A 85 -15.06 9.77 -1.95
N TYR A 86 -14.21 9.13 -1.15
CA TYR A 86 -13.34 8.06 -1.65
C TYR A 86 -14.16 6.81 -2.07
N LEU A 87 -15.18 6.46 -1.28
CA LEU A 87 -16.09 5.39 -1.65
C LEU A 87 -16.87 5.72 -2.93
N LEU A 88 -17.24 6.99 -3.13
CA LEU A 88 -17.98 7.37 -4.32
C LEU A 88 -17.10 7.26 -5.56
N ASP A 89 -15.83 7.61 -5.38
CA ASP A 89 -14.88 7.59 -6.48
C ASP A 89 -13.46 7.66 -5.91
N PRO A 90 -12.71 6.55 -5.98
CA PRO A 90 -11.36 6.55 -5.36
C PRO A 90 -10.35 7.50 -5.98
N SER A 91 -10.70 8.21 -7.05
CA SER A 91 -9.83 9.31 -7.50
C SER A 91 -10.01 10.56 -6.62
N ASN A 92 -10.98 10.51 -5.70
CA ASN A 92 -11.09 11.48 -4.62
C ASN A 92 -10.15 11.13 -3.48
N THR A 93 -9.00 11.80 -3.40
CA THR A 93 -7.99 11.43 -2.42
C THR A 93 -7.56 12.55 -1.46
N THR A 94 -7.91 13.79 -1.78
CA THR A 94 -7.51 14.93 -0.94
C THR A 94 -8.66 15.89 -0.67
N PRO A 95 -8.61 16.61 0.46
CA PRO A 95 -9.61 17.64 0.76
C PRO A 95 -9.76 18.72 -0.31
N GLU A 96 -8.66 19.25 -0.83
CA GLU A 96 -8.72 20.32 -1.84
C GLU A 96 -9.54 19.84 -3.02
N GLY A 97 -9.17 18.67 -3.52
CA GLY A 97 -9.83 18.08 -4.67
C GLY A 97 -11.30 17.75 -4.43
N VAL A 98 -11.61 17.26 -3.23
CA VAL A 98 -12.99 16.92 -2.89
C VAL A 98 -13.85 18.18 -2.83
N ALA A 99 -13.29 19.24 -2.29
CA ALA A 99 -14.01 20.52 -2.23
C ALA A 99 -14.20 21.06 -3.64
N ARG A 100 -13.15 21.03 -4.43
CA ARG A 100 -13.20 21.53 -5.79
C ARG A 100 -14.29 20.82 -6.58
N ARG A 101 -14.48 19.54 -6.28
CA ARG A 101 -15.39 18.72 -7.05
C ARG A 101 -16.86 18.85 -6.60
N TYR A 102 -17.10 18.87 -5.30
CA TYR A 102 -18.46 18.73 -4.78
C TYR A 102 -19.05 20.02 -4.22
N GLY A 103 -18.22 21.05 -4.08
CA GLY A 103 -18.64 22.32 -3.53
C GLY A 103 -17.72 22.81 -2.44
N GLY A 104 -17.71 24.12 -2.25
CA GLY A 104 -16.91 24.71 -1.20
C GLY A 104 -15.46 24.81 -1.57
N GLU A 105 -14.64 25.23 -0.61
CA GLU A 105 -13.22 25.40 -0.82
C GLU A 105 -12.43 25.06 0.43
N TRP A 106 -11.35 24.31 0.24
CA TRP A 106 -10.43 23.98 1.31
C TRP A 106 -9.49 25.14 1.51
N THR A 107 -9.65 25.81 2.66
CA THR A 107 -8.86 26.98 3.00
C THR A 107 -7.97 26.66 4.19
N GLU A 108 -7.37 27.71 4.75
CA GLU A 108 -6.42 27.56 5.85
C GLU A 108 -6.97 28.03 7.20
N GLU A 109 -8.28 28.27 7.28
CA GLU A 109 -8.90 28.71 8.54
C GLU A 109 -9.73 27.60 9.16
N ALA A 110 -9.49 27.34 10.45
CA ALA A 110 -10.15 26.23 11.14
C ALA A 110 -11.66 26.30 11.05
N GLY A 111 -12.22 27.48 11.32
CA GLY A 111 -13.66 27.66 11.32
C GLY A 111 -14.28 27.30 9.97
N GLU A 112 -13.65 27.76 8.90
CA GLU A 112 -14.14 27.48 7.55
C GLU A 112 -14.04 25.99 7.22
N ARG A 113 -12.96 25.35 7.67
CA ARG A 113 -12.78 23.91 7.46
C ARG A 113 -13.86 23.11 8.17
N ALA A 114 -14.21 23.58 9.36
CA ALA A 114 -15.26 22.93 10.16
C ALA A 114 -16.62 23.07 9.48
N ALA A 115 -16.85 24.20 8.83
CA ALA A 115 -18.14 24.44 8.18
C ALA A 115 -18.22 23.65 6.88
N LEU A 116 -17.11 23.62 6.15
CA LEU A 116 -16.96 22.83 4.94
C LEU A 116 -17.22 21.35 5.22
N SER A 117 -16.61 20.84 6.27
CA SER A 117 -16.79 19.45 6.67
C SER A 117 -18.27 19.11 6.82
N GLU A 118 -19.02 19.98 7.50
CA GLU A 118 -20.42 19.72 7.78
C GLU A 118 -21.23 19.68 6.48
N ARG A 119 -21.00 20.65 5.60
CA ARG A 119 -21.72 20.71 4.33
C ARG A 119 -21.37 19.54 3.41
N LEU A 120 -20.07 19.28 3.26
CA LEU A 120 -19.64 18.17 2.41
C LEU A 120 -20.25 16.86 2.87
N PHE A 121 -20.29 16.63 4.18
CA PHE A 121 -20.80 15.37 4.67
C PHE A 121 -22.27 15.17 4.26
N ALA A 122 -23.09 16.20 4.50
CA ALA A 122 -24.48 16.17 4.11
C ALA A 122 -24.62 15.92 2.61
N ASN A 123 -23.91 16.73 1.83
CA ASN A 123 -23.85 16.60 0.37
C ASN A 123 -23.52 15.17 -0.07
N LEU A 124 -22.37 14.67 0.38
CA LEU A 124 -21.91 13.36 -0.07
C LEU A 124 -22.80 12.24 0.44
N TRP A 125 -23.29 12.40 1.66
CA TRP A 125 -24.19 11.40 2.22
C TRP A 125 -25.42 11.28 1.32
N GLY A 126 -25.91 12.41 0.82
CA GLY A 126 -27.05 12.40 -0.08
C GLY A 126 -26.75 11.70 -1.39
N ARG A 127 -25.53 11.89 -1.87
CA ARG A 127 -25.11 11.32 -3.15
C ARG A 127 -24.97 9.82 -3.02
N LEU A 128 -24.82 9.33 -1.79
CA LEU A 128 -24.73 7.89 -1.57
C LEU A 128 -26.06 7.18 -1.33
N GLU A 129 -27.16 7.93 -1.34
CA GLU A 129 -28.46 7.33 -1.08
C GLU A 129 -28.71 6.17 -2.04
N GLY A 130 -29.08 5.03 -1.48
CA GLY A 130 -29.41 3.86 -2.27
C GLY A 130 -28.22 3.00 -2.64
N GLU A 131 -26.99 3.50 -2.42
CA GLU A 131 -25.78 2.73 -2.68
C GLU A 131 -25.44 1.89 -1.47
N GLU A 132 -26.19 0.80 -1.27
CA GLU A 132 -26.13 0.05 -0.02
C GLU A 132 -24.80 -0.68 0.22
N ARG A 133 -24.10 -1.06 -0.84
CA ARG A 133 -22.85 -1.76 -0.63
C ARG A 133 -21.77 -0.77 -0.15
N LEU A 134 -21.73 0.41 -0.77
CA LEU A 134 -20.79 1.43 -0.38
C LEU A 134 -21.08 1.92 1.03
N LEU A 135 -22.36 2.01 1.38
CA LEU A 135 -22.73 2.43 2.72
C LEU A 135 -22.33 1.36 3.75
N TRP A 136 -22.39 0.11 3.36
CA TRP A 136 -21.96 -0.99 4.22
C TRP A 136 -20.45 -0.88 4.45
N LEU A 137 -19.74 -0.50 3.40
CA LEU A 137 -18.29 -0.37 3.49
C LEU A 137 -17.93 0.79 4.41
N TYR A 138 -18.71 1.87 4.34
CA TYR A 138 -18.48 3.01 5.19
C TYR A 138 -18.62 2.65 6.67
N ARG A 139 -19.70 1.96 7.01
N ARG A 139 -19.70 1.97 7.02
CA ARG A 139 -20.02 1.63 8.40
CA ARG A 139 -20.01 1.66 8.42
C ARG A 139 -19.21 0.49 8.98
C ARG A 139 -19.21 0.49 8.99
N GLU A 140 -18.88 -0.49 8.15
CA GLU A 140 -18.24 -1.71 8.61
C GLU A 140 -16.74 -1.73 8.41
N VAL A 141 -16.25 -0.92 7.47
CA VAL A 141 -14.83 -0.89 7.18
C VAL A 141 -14.24 0.50 7.43
N GLU A 142 -14.54 1.45 6.56
CA GLU A 142 -13.86 2.73 6.56
C GLU A 142 -13.96 3.53 7.87
N ARG A 143 -15.16 3.76 8.40
CA ARG A 143 -15.26 4.57 9.61
C ARG A 143 -14.54 3.93 10.79
N PRO A 144 -14.85 2.67 11.12
CA PRO A 144 -14.14 2.07 12.25
C PRO A 144 -12.63 1.89 12.01
N LEU A 145 -12.21 1.63 10.78
CA LEU A 145 -10.79 1.46 10.48
C LEU A 145 -10.00 2.72 10.81
N SER A 146 -10.63 3.87 10.62
CA SER A 146 -9.95 5.14 10.79
C SER A 146 -9.41 5.26 12.23
N ALA A 147 -10.11 4.66 13.17
CA ALA A 147 -9.67 4.69 14.57
C ALA A 147 -8.51 3.73 14.78
N VAL A 148 -8.50 2.63 14.04
CA VAL A 148 -7.39 1.67 14.11
C VAL A 148 -6.12 2.32 13.56
N LEU A 149 -6.27 3.01 12.45
CA LEU A 149 -5.14 3.67 11.82
C LEU A 149 -4.57 4.78 12.72
N ALA A 150 -5.44 5.52 13.40
CA ALA A 150 -5.00 6.52 14.38
C ALA A 150 -4.16 5.88 15.48
N HIS A 151 -4.60 4.72 15.99
CA HIS A 151 -3.84 4.02 17.00
C HIS A 151 -2.46 3.60 16.46
N MET A 152 -2.41 3.10 15.23
CA MET A 152 -1.16 2.61 14.67
C MET A 152 -0.17 3.73 14.45
N GLU A 153 -0.65 4.84 13.91
CA GLU A 153 0.21 5.97 13.61
C GLU A 153 0.72 6.61 14.91
N ALA A 154 -0.13 6.65 15.94
CA ALA A 154 0.24 7.31 17.20
C ALA A 154 1.17 6.45 18.05
N THR A 155 1.08 5.14 17.91
CA THR A 155 1.92 4.23 18.69
C THR A 155 3.33 4.12 18.11
N GLY A 156 3.41 4.07 16.79
CA GLY A 156 4.69 3.99 16.10
C GLY A 156 5.43 2.70 16.38
N VAL A 157 6.67 2.62 15.89
CA VAL A 157 7.47 1.42 16.04
C VAL A 157 8.92 1.75 16.42
N ARG A 158 9.50 0.93 17.27
CA ARG A 158 10.91 1.09 17.66
C ARG A 158 11.89 0.66 16.56
N LEU A 159 12.94 1.45 16.37
CA LEU A 159 13.98 1.14 15.41
C LEU A 159 15.28 0.76 16.09
N ASP A 160 16.06 -0.10 15.44
CA ASP A 160 17.36 -0.51 15.92
C ASP A 160 18.43 0.41 15.36
N VAL A 161 18.68 1.50 16.06
CA VAL A 161 19.59 2.51 15.55
C VAL A 161 21.01 1.95 15.41
N ALA A 162 21.44 1.13 16.37
CA ALA A 162 22.76 0.51 16.28
C ALA A 162 22.89 -0.36 15.03
N TYR A 163 21.83 -1.12 14.75
CA TYR A 163 21.87 -1.99 13.60
C TYR A 163 21.90 -1.19 12.30
N LEU A 164 21.14 -0.11 12.24
CA LEU A 164 21.10 0.72 11.04
C LEU A 164 22.43 1.44 10.79
N ARG A 165 23.13 1.82 11.85
CA ARG A 165 24.45 2.43 11.71
C ARG A 165 25.42 1.45 11.02
N ALA A 166 25.37 0.20 11.47
CA ALA A 166 26.22 -0.85 10.92
C ALA A 166 25.83 -1.18 9.48
N LEU A 167 24.52 -1.25 9.21
CA LEU A 167 24.05 -1.46 7.86
C LEU A 167 24.44 -0.30 6.94
N SER A 168 24.32 0.92 7.44
CA SER A 168 24.68 2.08 6.64
C SER A 168 26.14 1.99 6.19
N LEU A 169 27.02 1.65 7.12
CA LEU A 169 28.45 1.61 6.82
C LEU A 169 28.75 0.49 5.81
N GLU A 170 28.13 -0.67 6.01
CA GLU A 170 28.31 -1.79 5.11
C GLU A 170 27.86 -1.45 3.67
N VAL A 171 26.72 -0.80 3.52
CA VAL A 171 26.25 -0.41 2.20
C VAL A 171 27.11 0.72 1.63
N ALA A 172 27.47 1.66 2.49
CA ALA A 172 28.28 2.82 2.08
C ALA A 172 29.59 2.34 1.47
N GLU A 173 30.15 1.30 2.07
CA GLU A 173 31.43 0.76 1.63
C GLU A 173 31.29 0.09 0.27
N GLU A 174 30.18 -0.62 0.04
CA GLU A 174 30.00 -1.30 -1.24
C GLU A 174 29.77 -0.29 -2.36
N ILE A 175 29.01 0.77 -2.05
CA ILE A 175 28.82 1.88 -2.98
C ILE A 175 30.14 2.53 -3.39
N ALA A 176 31.02 2.81 -2.42
CA ALA A 176 32.30 3.44 -2.71
C ALA A 176 33.12 2.55 -3.65
N ARG A 177 33.06 1.24 -3.42
CA ARG A 177 33.78 0.30 -4.26
C ARG A 177 33.29 0.35 -5.70
N LEU A 178 31.97 0.40 -5.87
CA LEU A 178 31.39 0.39 -7.20
C LEU A 178 31.65 1.69 -7.95
N GLU A 179 31.62 2.83 -7.25
CA GLU A 179 31.78 4.09 -7.97
C GLU A 179 33.24 4.23 -8.38
N ALA A 180 34.15 3.69 -7.58
CA ALA A 180 35.58 3.67 -7.95
C ALA A 180 35.76 2.90 -9.25
N GLU A 181 35.12 1.74 -9.34
CA GLU A 181 35.22 0.92 -10.54
C GLU A 181 34.64 1.63 -11.76
N VAL A 182 33.54 2.36 -11.57
CA VAL A 182 32.88 3.07 -12.66
C VAL A 182 33.78 4.20 -13.17
N PHE A 183 34.43 4.90 -12.25
CA PHE A 183 35.25 6.03 -12.65
C PHE A 183 36.46 5.53 -13.40
N ARG A 184 37.00 4.38 -12.99
CA ARG A 184 38.13 3.77 -13.66
C ARG A 184 37.78 3.39 -15.11
N LEU A 185 36.59 2.82 -15.30
CA LEU A 185 36.19 2.43 -16.65
C LEU A 185 35.91 3.67 -17.50
N ALA A 186 35.41 4.74 -16.88
CA ALA A 186 35.09 5.97 -17.58
C ALA A 186 36.34 6.83 -17.80
N GLY A 187 37.33 6.69 -16.92
CA GLY A 187 38.58 7.44 -17.04
C GLY A 187 38.56 8.77 -16.33
N HIS A 188 37.47 9.05 -15.62
CA HIS A 188 37.37 10.28 -14.83
C HIS A 188 36.17 10.19 -13.90
N PRO A 189 36.16 11.03 -12.85
CA PRO A 189 34.96 11.08 -12.00
C PRO A 189 33.84 11.89 -12.64
N PHE A 190 32.61 11.58 -12.25
CA PHE A 190 31.45 12.34 -12.68
C PHE A 190 30.33 12.01 -11.70
N ASN A 191 29.22 12.73 -11.78
CA ASN A 191 28.12 12.49 -10.86
C ASN A 191 27.22 11.37 -11.35
N LEU A 192 27.37 10.19 -10.75
CA LEU A 192 26.58 9.01 -11.14
C LEU A 192 25.08 9.22 -10.93
N ASN A 193 24.72 10.16 -10.05
CA ASN A 193 23.32 10.39 -9.75
C ASN A 193 22.68 11.32 -10.78
N SER A 194 23.51 11.92 -11.62
CA SER A 194 23.02 12.79 -12.70
C SER A 194 22.82 11.99 -13.96
N ARG A 195 21.57 11.85 -14.39
CA ARG A 195 21.29 11.09 -15.59
C ARG A 195 21.83 11.82 -16.83
N ASP A 196 21.88 13.15 -16.77
CA ASP A 196 22.48 13.91 -17.87
C ASP A 196 23.98 13.62 -18.04
N GLN A 197 24.73 13.58 -16.95
CA GLN A 197 26.16 13.28 -17.01
C GLN A 197 26.41 11.83 -17.44
N LEU A 198 25.59 10.93 -16.90
CA LEU A 198 25.71 9.52 -17.23
C LEU A 198 25.38 9.28 -18.71
N GLU A 199 24.40 10.02 -19.25
CA GLU A 199 24.07 9.95 -20.67
C GLU A 199 25.28 10.28 -21.54
N ARG A 200 25.96 11.39 -21.23
CA ARG A 200 27.16 11.79 -21.95
C ARG A 200 28.27 10.73 -21.90
N VAL A 201 28.52 10.20 -20.71
CA VAL A 201 29.54 9.19 -20.55
C VAL A 201 29.24 7.96 -21.39
N LEU A 202 28.06 7.39 -21.22
CA LEU A 202 27.73 6.13 -21.89
C LEU A 202 27.70 6.24 -23.41
N PHE A 203 27.01 7.26 -23.94
CA PHE A 203 26.69 7.31 -25.36
C PHE A 203 27.62 8.22 -26.19
N ASP A 204 28.18 9.26 -25.57
CA ASP A 204 29.11 10.14 -26.28
C ASP A 204 30.57 9.74 -26.10
N GLU A 205 31.00 9.55 -24.86
CA GLU A 205 32.41 9.26 -24.59
C GLU A 205 32.77 7.79 -24.80
N LEU A 206 31.94 6.88 -24.29
CA LEU A 206 32.18 5.44 -24.47
C LEU A 206 31.50 4.91 -25.74
N GLY A 207 30.67 5.75 -26.35
CA GLY A 207 30.11 5.47 -27.66
C GLY A 207 29.16 4.29 -27.74
N LEU A 208 28.48 4.00 -26.63
CA LEU A 208 27.54 2.89 -26.62
C LEU A 208 26.30 3.26 -27.42
N PRO A 209 25.57 2.26 -27.92
CA PRO A 209 24.36 2.62 -28.66
C PRO A 209 23.21 3.02 -27.73
N ALA A 210 22.49 4.08 -28.11
CA ALA A 210 21.31 4.48 -27.40
C ALA A 210 20.14 3.69 -27.95
N ILE A 211 19.22 3.31 -27.08
CA ILE A 211 18.00 2.65 -27.48
C ILE A 211 16.86 3.62 -27.19
N GLY A 212 16.16 3.43 -26.08
CA GLY A 212 15.02 4.26 -25.76
C GLY A 212 15.32 5.73 -25.56
N LYS A 213 14.28 6.53 -25.76
CA LYS A 213 14.29 7.96 -25.52
C LYS A 213 13.66 8.22 -24.16
N THR A 214 13.87 9.42 -23.60
CA THR A 214 13.16 9.82 -22.37
C THR A 214 11.76 10.32 -22.73
N GLU A 215 10.87 10.31 -21.77
CA GLU A 215 9.45 10.57 -22.00
C GLU A 215 9.10 12.00 -22.45
N LYS A 216 9.70 13.01 -21.83
CA LYS A 216 9.31 14.40 -22.09
C LYS A 216 10.46 15.31 -22.54
N THR A 217 11.67 15.06 -22.05
CA THR A 217 12.80 15.94 -22.35
C THR A 217 13.44 15.56 -23.70
N GLY A 218 13.07 14.39 -24.22
CA GLY A 218 13.50 13.97 -25.55
C GLY A 218 14.97 13.60 -25.70
N LYS A 219 15.59 13.15 -24.61
CA LYS A 219 17.01 12.74 -24.62
C LYS A 219 17.17 11.23 -24.65
N ARG A 220 18.41 10.77 -24.73
CA ARG A 220 18.70 9.33 -24.70
C ARG A 220 18.59 8.78 -23.28
N SER A 221 17.70 7.81 -23.11
CA SER A 221 17.43 7.24 -21.80
C SER A 221 18.60 6.41 -21.27
N THR A 222 18.76 6.45 -19.94
CA THR A 222 19.74 5.61 -19.25
C THR A 222 19.02 4.68 -18.29
N SER A 223 17.72 4.49 -18.51
CA SER A 223 16.91 3.68 -17.60
C SER A 223 17.37 2.23 -17.63
N ALA A 224 17.00 1.48 -16.60
CA ALA A 224 17.32 0.06 -16.53
C ALA A 224 16.85 -0.69 -17.78
N ALA A 225 15.77 -0.25 -18.41
CA ALA A 225 15.28 -0.92 -19.61
C ALA A 225 16.34 -0.90 -20.71
N VAL A 226 17.04 0.23 -20.83
CA VAL A 226 18.12 0.38 -21.79
C VAL A 226 19.38 -0.36 -21.35
N LEU A 227 19.79 -0.16 -20.10
CA LEU A 227 21.03 -0.74 -19.62
C LEU A 227 20.99 -2.27 -19.61
N GLU A 228 19.80 -2.82 -19.34
CA GLU A 228 19.57 -4.25 -19.35
C GLU A 228 20.12 -4.87 -20.63
N ALA A 229 19.72 -4.30 -21.75
CA ALA A 229 20.11 -4.77 -23.06
C ALA A 229 21.58 -4.52 -23.39
N LEU A 230 22.19 -3.52 -22.73
CA LEU A 230 23.58 -3.14 -23.02
C LEU A 230 24.60 -3.81 -22.10
N ARG A 231 24.17 -4.75 -21.27
CA ARG A 231 25.07 -5.37 -20.30
C ARG A 231 26.32 -6.00 -20.93
N GLU A 232 26.24 -6.33 -22.21
CA GLU A 232 27.37 -6.93 -22.92
C GLU A 232 28.16 -5.87 -23.70
N ALA A 233 27.53 -4.73 -23.95
CA ALA A 233 28.17 -3.65 -24.70
C ALA A 233 29.35 -3.06 -23.95
N HIS A 234 29.33 -3.15 -22.62
CA HIS A 234 30.40 -2.58 -21.80
C HIS A 234 30.28 -3.05 -20.35
N PRO A 235 31.43 -3.35 -19.69
CA PRO A 235 31.37 -3.80 -18.29
C PRO A 235 30.89 -2.72 -17.29
N ILE A 236 30.89 -1.46 -17.72
CA ILE A 236 30.48 -0.35 -16.86
C ILE A 236 28.98 -0.38 -16.60
N VAL A 237 28.24 -0.97 -17.51
CA VAL A 237 26.79 -0.96 -17.43
C VAL A 237 26.32 -1.73 -16.20
N GLU A 238 26.87 -2.92 -15.97
CA GLU A 238 26.50 -3.71 -14.80
C GLU A 238 26.80 -3.00 -13.49
N LYS A 239 27.90 -2.24 -13.47
CA LYS A 239 28.33 -1.56 -12.25
C LYS A 239 27.37 -0.43 -11.88
N ILE A 240 26.91 0.31 -12.88
CA ILE A 240 25.90 1.34 -12.68
C ILE A 240 24.62 0.77 -12.09
N LEU A 241 24.17 -0.38 -12.59
CA LEU A 241 22.92 -0.95 -12.12
C LEU A 241 23.05 -1.37 -10.66
N GLN A 242 24.19 -1.93 -10.30
CA GLN A 242 24.44 -2.29 -8.92
C GLN A 242 24.47 -1.03 -8.06
N TYR A 243 25.14 -0.01 -8.57
CA TYR A 243 25.26 1.26 -7.84
C TYR A 243 23.89 1.85 -7.58
N ARG A 244 23.06 1.92 -8.61
CA ARG A 244 21.71 2.46 -8.48
C ARG A 244 20.90 1.72 -7.43
N GLU A 245 20.93 0.39 -7.48
CA GLU A 245 20.22 -0.42 -6.50
C GLU A 245 20.58 -0.05 -5.06
N LEU A 246 21.87 -0.05 -4.74
CA LEU A 246 22.31 0.24 -3.37
C LEU A 246 22.05 1.68 -2.96
N THR A 247 22.23 2.62 -3.87
CA THR A 247 22.09 4.01 -3.50
C THR A 247 20.63 4.36 -3.24
N LYS A 248 19.71 3.73 -3.97
CA LYS A 248 18.28 3.92 -3.74
C LYS A 248 17.84 3.37 -2.40
N LEU A 249 18.32 2.17 -2.07
CA LEU A 249 18.07 1.56 -0.76
C LEU A 249 18.56 2.46 0.39
N LYS A 250 19.79 2.94 0.27
CA LYS A 250 20.39 3.75 1.35
C LYS A 250 19.73 5.11 1.51
N SER A 251 19.51 5.80 0.39
CA SER A 251 18.88 7.12 0.39
C SER A 251 17.43 7.08 0.86
N THR A 252 16.76 5.95 0.65
CA THR A 252 15.33 5.88 0.92
C THR A 252 15.02 5.23 2.25
N TYR A 253 15.73 4.14 2.58
CA TYR A 253 15.36 3.30 3.72
C TYR A 253 16.47 3.09 4.78
N ILE A 254 17.64 3.69 4.59
CA ILE A 254 18.69 3.59 5.61
C ILE A 254 18.94 4.98 6.20
N ASP A 255 19.29 5.95 5.35
CA ASP A 255 19.62 7.29 5.82
C ASP A 255 18.44 8.03 6.46
N PRO A 256 17.26 7.99 5.84
CA PRO A 256 16.20 8.80 6.46
C PRO A 256 15.62 8.28 7.78
N LEU A 257 15.74 6.99 8.08
CA LEU A 257 14.93 6.43 9.18
C LEU A 257 15.24 6.99 10.57
N PRO A 258 16.52 7.16 10.91
CA PRO A 258 16.74 7.67 12.27
C PRO A 258 16.19 9.07 12.49
N ASP A 259 16.18 9.89 11.45
CA ASP A 259 15.65 11.25 11.58
C ASP A 259 14.13 11.24 11.81
N LEU A 260 13.48 10.12 11.53
CA LEU A 260 12.04 10.00 11.72
C LEU A 260 11.72 9.52 13.12
N ILE A 261 12.73 9.25 13.93
CA ILE A 261 12.47 8.86 15.32
C ILE A 261 12.04 10.08 16.11
N HIS A 262 10.85 9.98 16.69
CA HIS A 262 10.20 11.12 17.34
C HIS A 262 10.85 11.37 18.69
N PRO A 263 11.13 12.64 19.04
CA PRO A 263 11.84 12.92 20.29
C PRO A 263 11.01 12.67 21.55
N ARG A 264 9.69 12.76 21.45
CA ARG A 264 8.83 12.54 22.61
C ARG A 264 8.52 11.05 22.85
N THR A 265 8.58 10.23 21.81
CA THR A 265 8.16 8.84 21.94
C THR A 265 9.33 7.88 21.83
N GLY A 266 10.38 8.29 21.12
CA GLY A 266 11.49 7.40 20.83
C GLY A 266 11.13 6.34 19.80
N ARG A 267 10.07 6.59 19.05
CA ARG A 267 9.61 5.63 18.04
C ARG A 267 9.40 6.31 16.70
N LEU A 268 9.31 5.50 15.66
CA LEU A 268 9.06 6.00 14.32
C LEU A 268 7.56 5.94 14.06
N HIS A 269 6.98 6.99 13.48
CA HIS A 269 5.52 7.06 13.32
C HIS A 269 5.09 7.11 11.87
N THR A 270 5.03 5.92 11.30
CA THR A 270 4.58 5.73 9.93
C THR A 270 3.16 6.25 9.80
N ARG A 271 2.93 7.02 8.74
CA ARG A 271 1.65 7.59 8.47
C ARG A 271 0.82 6.67 7.57
N PHE A 272 -0.40 6.37 7.97
CA PHE A 272 -1.27 5.48 7.19
C PHE A 272 -2.45 6.24 6.62
N ASN A 273 -2.80 5.91 5.38
CA ASN A 273 -3.81 6.67 4.65
C ASN A 273 -4.76 5.71 3.95
N GLN A 274 -6.06 5.85 4.23
CA GLN A 274 -7.04 4.91 3.69
C GLN A 274 -7.78 5.44 2.48
N THR A 275 -7.41 6.64 2.02
CA THR A 275 -8.03 7.19 0.81
C THR A 275 -6.98 7.65 -0.19
N ALA A 276 -5.97 6.82 -0.40
CA ALA A 276 -4.84 7.17 -1.27
C ALA A 276 -4.78 6.41 -2.60
N THR A 277 -5.26 5.16 -2.62
CA THR A 277 -5.02 4.28 -3.77
C THR A 277 -6.25 3.99 -4.62
N ALA A 278 -6.01 3.57 -5.87
CA ALA A 278 -7.04 3.22 -6.81
C ALA A 278 -7.84 1.99 -6.38
N THR A 279 -7.22 1.13 -5.59
CA THR A 279 -7.80 -0.18 -5.33
C THR A 279 -8.47 -0.28 -3.98
N GLY A 280 -8.13 0.62 -3.07
CA GLY A 280 -8.62 0.54 -1.71
C GLY A 280 -7.60 -0.03 -0.75
N ARG A 281 -6.44 -0.40 -1.27
CA ARG A 281 -5.34 -0.80 -0.40
C ARG A 281 -4.90 0.40 0.44
N LEU A 282 -4.57 0.13 1.70
CA LEU A 282 -3.94 1.13 2.55
C LEU A 282 -2.63 1.57 1.95
N SER A 283 -2.30 2.83 2.22
CA SER A 283 -1.03 3.39 1.78
C SER A 283 -0.28 3.86 3.02
N SER A 284 1.03 3.90 2.94
CA SER A 284 1.86 4.40 4.04
C SER A 284 2.86 5.41 3.51
N SER A 285 3.39 6.25 4.40
CA SER A 285 4.38 7.25 4.02
C SER A 285 5.28 7.54 5.23
N ASP A 286 6.47 8.07 4.96
CA ASP A 286 7.43 8.41 6.02
C ASP A 286 7.73 7.27 6.97
N PRO A 287 8.23 6.15 6.47
CA PRO A 287 8.53 5.79 5.08
C PRO A 287 7.37 5.07 4.40
N ASN A 288 7.43 4.96 3.08
CA ASN A 288 6.52 4.13 2.31
C ASN A 288 6.93 2.66 2.44
N LEU A 289 6.21 1.91 3.28
CA LEU A 289 6.56 0.52 3.49
C LEU A 289 6.39 -0.33 2.25
N GLN A 290 5.45 0.06 1.38
CA GLN A 290 5.11 -0.75 0.22
C GLN A 290 6.29 -0.92 -0.74
N ASN A 291 7.24 0.02 -0.72
CA ASN A 291 8.32 0.00 -1.70
C ASN A 291 9.67 -0.46 -1.14
N ILE A 292 9.70 -0.94 0.10
CA ILE A 292 10.86 -1.69 0.59
C ILE A 292 11.01 -2.91 -0.31
N PRO A 293 12.18 -3.11 -0.95
CA PRO A 293 12.27 -4.24 -1.90
C PRO A 293 11.77 -5.57 -1.31
N VAL A 294 11.08 -6.37 -2.11
CA VAL A 294 10.50 -7.63 -1.61
C VAL A 294 11.30 -8.89 -2.02
N ARG A 295 12.11 -8.79 -3.06
CA ARG A 295 12.93 -9.92 -3.50
C ARG A 295 14.31 -9.92 -2.86
N THR A 296 14.98 -8.76 -2.89
CA THR A 296 16.38 -8.66 -2.52
C THR A 296 16.67 -9.05 -1.07
N PRO A 297 17.88 -9.59 -0.81
CA PRO A 297 18.30 -9.73 0.58
C PRO A 297 18.38 -8.37 1.28
N LEU A 298 18.65 -7.32 0.52
CA LEU A 298 18.68 -5.96 1.05
C LEU A 298 17.36 -5.58 1.73
N GLY A 299 16.26 -5.90 1.06
CA GLY A 299 14.94 -5.66 1.57
C GLY A 299 14.78 -6.30 2.92
N GLN A 300 15.27 -7.53 3.07
CA GLN A 300 15.23 -8.22 4.34
C GLN A 300 16.02 -7.46 5.42
N ARG A 301 17.11 -6.82 5.02
CA ARG A 301 17.97 -6.16 6.00
C ARG A 301 17.25 -4.93 6.55
N ILE A 302 16.39 -4.33 5.75
CA ILE A 302 15.65 -3.17 6.22
C ILE A 302 14.64 -3.58 7.30
N ARG A 303 13.95 -4.70 7.12
CA ARG A 303 12.94 -5.12 8.09
C ARG A 303 13.56 -5.50 9.43
N ARG A 304 14.80 -5.96 9.40
CA ARG A 304 15.56 -6.23 10.62
C ARG A 304 15.71 -5.00 11.52
N ALA A 305 15.58 -3.81 10.93
CA ALA A 305 15.75 -2.57 11.70
C ALA A 305 14.52 -2.23 12.55
N PHE A 306 13.40 -2.89 12.26
CA PHE A 306 12.17 -2.72 13.00
C PHE A 306 12.11 -3.73 14.12
N ILE A 307 12.01 -3.27 15.35
CA ILE A 307 12.15 -4.15 16.49
C ILE A 307 11.11 -3.89 17.55
N ALA A 308 10.95 -4.86 18.42
CA ALA A 308 10.07 -4.76 19.56
C ALA A 308 10.73 -3.98 20.70
N GLU A 309 9.90 -3.32 21.49
CA GLU A 309 10.31 -2.75 22.77
C GLU A 309 10.86 -3.88 23.63
N GLU A 310 11.82 -3.59 24.50
CA GLU A 310 12.37 -4.63 25.35
C GLU A 310 11.27 -5.24 26.22
N GLY A 311 11.26 -6.57 26.31
CA GLY A 311 10.23 -7.27 27.04
C GLY A 311 9.00 -7.57 26.19
N TRP A 312 8.97 -7.03 24.97
CA TRP A 312 7.89 -7.29 24.02
C TRP A 312 8.41 -8.12 22.83
N LEU A 313 7.50 -8.50 21.94
CA LEU A 313 7.86 -9.25 20.74
C LEU A 313 6.94 -8.85 19.60
N LEU A 314 7.48 -8.87 18.38
CA LEU A 314 6.69 -8.61 17.18
C LEU A 314 5.99 -9.88 16.72
N VAL A 315 4.74 -9.73 16.29
CA VAL A 315 3.99 -10.82 15.66
C VAL A 315 3.61 -10.39 14.25
N ALA A 316 4.08 -11.15 13.27
CA ALA A 316 3.87 -10.83 11.86
C ALA A 316 2.91 -11.85 11.24
N LEU A 317 1.83 -11.36 10.65
CA LEU A 317 0.81 -12.22 10.03
C LEU A 317 0.62 -11.83 8.58
N ASP A 318 0.64 -12.83 7.70
CA ASP A 318 0.55 -12.60 6.26
C ASP A 318 -0.51 -13.51 5.63
N TYR A 319 -1.39 -12.93 4.80
CA TYR A 319 -2.36 -13.73 4.02
C TYR A 319 -1.69 -14.34 2.79
N SER A 320 -1.34 -15.61 2.90
CA SER A 320 -0.59 -16.30 1.85
C SER A 320 -1.40 -16.49 0.57
N GLN A 321 -0.84 -16.05 -0.55
CA GLN A 321 -1.47 -16.19 -1.85
C GLN A 321 -2.88 -15.59 -1.91
N ILE A 322 -3.17 -14.57 -1.10
CA ILE A 322 -4.55 -14.12 -1.02
C ILE A 322 -5.06 -13.62 -2.37
N GLU A 323 -4.19 -13.04 -3.19
CA GLU A 323 -4.63 -12.52 -4.48
C GLU A 323 -5.18 -13.65 -5.35
N LEU A 324 -4.44 -14.76 -5.43
CA LEU A 324 -4.86 -15.91 -6.22
C LEU A 324 -6.08 -16.61 -5.64
N ARG A 325 -6.14 -16.69 -4.31
CA ARG A 325 -7.32 -17.18 -3.64
C ARG A 325 -8.56 -16.37 -4.02
N VAL A 326 -8.40 -15.04 -4.06
CA VAL A 326 -9.52 -14.17 -4.38
C VAL A 326 -9.91 -14.38 -5.84
N LEU A 327 -8.91 -14.50 -6.71
CA LEU A 327 -9.16 -14.76 -8.12
C LEU A 327 -9.91 -16.07 -8.32
N ALA A 328 -9.60 -17.05 -7.49
CA ALA A 328 -10.29 -18.34 -7.53
C ALA A 328 -11.75 -18.15 -7.16
N HIS A 329 -12.00 -17.26 -6.21
CA HIS A 329 -13.34 -17.06 -5.71
C HIS A 329 -14.16 -16.25 -6.69
N LEU A 330 -13.55 -15.23 -7.28
CA LEU A 330 -14.27 -14.38 -8.21
C LEU A 330 -14.55 -15.09 -9.54
N SER A 331 -13.61 -15.93 -9.95
CA SER A 331 -13.71 -16.60 -11.25
C SER A 331 -14.61 -17.82 -11.18
N GLY A 332 -14.70 -18.41 -9.99
CA GLY A 332 -15.35 -19.68 -9.82
C GLY A 332 -14.67 -20.84 -10.54
N ASP A 333 -13.39 -20.70 -10.88
CA ASP A 333 -12.71 -21.77 -11.62
C ASP A 333 -12.49 -22.97 -10.72
N GLU A 334 -13.08 -24.11 -11.10
CA GLU A 334 -13.08 -25.30 -10.25
C GLU A 334 -11.69 -25.91 -10.09
N ASN A 335 -10.85 -25.78 -11.11
CA ASN A 335 -9.52 -26.36 -11.03
C ASN A 335 -8.64 -25.52 -10.12
N LEU A 336 -8.79 -24.21 -10.20
CA LEU A 336 -8.07 -23.32 -9.31
C LEU A 336 -8.58 -23.49 -7.88
N ILE A 337 -9.90 -23.60 -7.71
CA ILE A 337 -10.45 -23.73 -6.36
C ILE A 337 -9.93 -25.01 -5.71
N ARG A 338 -9.82 -26.07 -6.50
CA ARG A 338 -9.37 -27.38 -6.01
C ARG A 338 -7.98 -27.31 -5.37
N VAL A 339 -7.02 -26.73 -6.09
CA VAL A 339 -5.67 -26.53 -5.57
C VAL A 339 -5.69 -26.01 -4.13
N PHE A 340 -6.50 -24.99 -3.88
CA PHE A 340 -6.54 -24.37 -2.58
C PHE A 340 -7.34 -25.16 -1.53
N GLN A 341 -8.30 -25.96 -1.99
CA GLN A 341 -9.02 -26.83 -1.05
C GLN A 341 -8.13 -28.00 -0.63
N GLU A 342 -7.31 -28.48 -1.56
CA GLU A 342 -6.40 -29.58 -1.29
C GLU A 342 -5.22 -29.16 -0.40
N GLY A 343 -5.07 -27.85 -0.19
CA GLY A 343 -4.02 -27.34 0.68
C GLY A 343 -2.63 -27.61 0.15
N ARG A 344 -2.53 -27.77 -1.17
CA ARG A 344 -1.27 -28.13 -1.82
C ARG A 344 -0.48 -26.88 -2.24
N ASP A 345 0.84 -27.03 -2.37
CA ASP A 345 1.68 -25.93 -2.85
C ASP A 345 1.19 -25.49 -4.21
N ILE A 346 0.63 -24.29 -4.26
CA ILE A 346 -0.29 -23.95 -5.33
C ILE A 346 0.46 -23.74 -6.66
N HIS A 347 1.73 -23.36 -6.60
CA HIS A 347 2.49 -23.20 -7.83
C HIS A 347 2.90 -24.56 -8.42
N THR A 348 3.13 -25.55 -7.56
CA THR A 348 3.45 -26.90 -8.01
C THR A 348 2.21 -27.51 -8.65
N GLU A 349 1.08 -27.29 -7.99
CA GLU A 349 -0.20 -27.75 -8.51
C GLU A 349 -0.51 -27.08 -9.83
N THR A 350 -0.32 -25.77 -9.90
CA THR A 350 -0.54 -25.08 -11.16
C THR A 350 0.31 -25.70 -12.27
N ALA A 351 1.58 -25.95 -11.99
CA ALA A 351 2.48 -26.57 -12.95
C ALA A 351 1.98 -27.97 -13.35
N SER A 352 1.53 -28.71 -12.36
CA SER A 352 1.02 -30.07 -12.53
C SER A 352 -0.12 -30.06 -13.57
N TRP A 353 -1.07 -29.15 -13.38
CA TRP A 353 -2.15 -28.95 -14.35
C TRP A 353 -1.67 -28.50 -15.73
N MET A 354 -0.92 -27.41 -15.77
CA MET A 354 -0.44 -26.85 -17.03
C MET A 354 0.30 -27.88 -17.89
N PHE A 355 1.25 -28.60 -17.29
CA PHE A 355 2.16 -29.46 -18.05
C PHE A 355 1.66 -30.88 -18.25
N GLY A 356 0.60 -31.25 -17.53
CA GLY A 356 -0.06 -32.52 -17.73
C GLY A 356 0.68 -33.68 -17.08
N VAL A 357 1.20 -33.41 -15.89
CA VAL A 357 2.12 -34.32 -15.24
C VAL A 357 1.73 -34.49 -13.77
N PRO A 358 2.15 -35.58 -13.10
CA PRO A 358 1.84 -35.60 -11.67
C PRO A 358 2.69 -34.57 -10.91
N ARG A 359 2.35 -34.29 -9.66
CA ARG A 359 3.05 -33.23 -8.92
C ARG A 359 4.50 -33.65 -8.60
N GLU A 360 4.69 -34.93 -8.28
CA GLU A 360 6.04 -35.47 -8.01
C GLU A 360 7.03 -35.18 -9.14
N ALA A 361 6.51 -35.02 -10.34
CA ALA A 361 7.34 -34.89 -11.52
C ALA A 361 7.47 -33.45 -11.99
N VAL A 362 6.91 -32.53 -11.20
CA VAL A 362 7.16 -31.11 -11.41
C VAL A 362 8.54 -30.76 -10.85
N ASP A 363 9.44 -30.32 -11.72
CA ASP A 363 10.78 -29.94 -11.27
C ASP A 363 10.82 -28.44 -11.00
N PRO A 364 11.83 -27.99 -10.25
CA PRO A 364 11.87 -26.59 -9.81
C PRO A 364 11.70 -25.57 -10.93
N LEU A 365 12.20 -25.87 -12.13
CA LEU A 365 12.09 -24.90 -13.24
C LEU A 365 10.66 -24.78 -13.73
N MET A 366 9.92 -25.87 -13.58
CA MET A 366 8.54 -25.92 -14.03
C MET A 366 7.68 -25.14 -13.05
N ARG A 367 7.94 -25.36 -11.76
CA ARG A 367 7.34 -24.55 -10.71
C ARG A 367 7.59 -23.06 -10.93
N ARG A 368 8.80 -22.71 -11.36
CA ARG A 368 9.15 -21.30 -11.51
C ARG A 368 8.36 -20.70 -12.65
N ALA A 369 8.19 -21.49 -13.71
CA ALA A 369 7.39 -21.07 -14.85
C ALA A 369 5.94 -20.86 -14.46
N ALA A 370 5.41 -21.76 -13.65
CA ALA A 370 4.03 -21.67 -13.18
C ALA A 370 3.85 -20.46 -12.27
N LYS A 371 4.81 -20.26 -11.36
CA LYS A 371 4.76 -19.12 -10.45
C LYS A 371 4.73 -17.82 -11.24
N THR A 372 5.61 -17.73 -12.23
CA THR A 372 5.69 -16.52 -13.03
C THR A 372 4.36 -16.28 -13.76
N ILE A 373 3.79 -17.33 -14.33
CA ILE A 373 2.52 -17.22 -15.03
C ILE A 373 1.38 -16.82 -14.11
N ASN A 374 1.37 -17.41 -12.92
CA ASN A 374 0.27 -17.18 -11.99
C ASN A 374 0.13 -15.71 -11.68
N PHE A 375 1.26 -15.03 -11.57
CA PHE A 375 1.24 -13.62 -11.24
C PHE A 375 1.25 -12.76 -12.50
N GLY A 376 1.79 -13.29 -13.58
CA GLY A 376 1.68 -12.60 -14.85
C GLY A 376 0.24 -12.49 -15.34
N VAL A 377 -0.56 -13.52 -15.13
CA VAL A 377 -1.97 -13.48 -15.52
C VAL A 377 -2.70 -12.50 -14.62
N LEU A 378 -2.41 -12.59 -13.34
CA LEU A 378 -2.97 -11.70 -12.34
C LEU A 378 -2.73 -10.23 -12.68
N TYR A 379 -1.49 -9.87 -13.01
CA TYR A 379 -1.15 -8.47 -13.26
C TYR A 379 -1.15 -8.11 -14.74
N GLY A 380 -1.48 -9.08 -15.59
CA GLY A 380 -1.57 -8.82 -17.02
C GLY A 380 -0.22 -8.67 -17.69
N MET A 381 0.72 -9.52 -17.30
CA MET A 381 2.06 -9.53 -17.89
C MET A 381 2.04 -9.93 -19.36
N SER A 382 2.94 -9.31 -20.13
CA SER A 382 3.03 -9.55 -21.57
C SER A 382 3.76 -10.86 -21.88
N ALA A 383 3.45 -11.46 -23.02
CA ALA A 383 4.18 -12.62 -23.50
C ALA A 383 5.65 -12.24 -23.71
N HIS A 384 5.88 -11.02 -24.17
CA HIS A 384 7.25 -10.54 -24.38
C HIS A 384 8.04 -10.49 -23.08
N ARG A 385 7.45 -9.92 -22.04
CA ARG A 385 8.13 -9.84 -20.74
C ARG A 385 8.26 -11.24 -20.13
N LEU A 386 7.31 -12.10 -20.44
CA LEU A 386 7.35 -13.48 -19.95
C LEU A 386 8.54 -14.21 -20.55
N SER A 387 8.71 -14.06 -21.86
CA SER A 387 9.73 -14.80 -22.58
C SER A 387 11.14 -14.40 -22.14
N GLN A 388 11.25 -13.26 -21.46
CA GLN A 388 12.55 -12.78 -21.01
C GLN A 388 12.70 -12.89 -19.48
N GLU A 389 11.59 -13.18 -18.78
CA GLU A 389 11.67 -13.45 -17.35
C GLU A 389 11.99 -14.93 -17.16
N LEU A 390 11.52 -15.74 -18.10
CA LEU A 390 11.81 -17.17 -18.11
C LEU A 390 13.01 -17.47 -19.00
N ALA A 391 13.43 -16.47 -19.78
CA ALA A 391 14.49 -16.65 -20.77
C ALA A 391 14.15 -17.79 -21.72
N ILE A 392 13.06 -17.62 -22.47
CA ILE A 392 12.64 -18.61 -23.45
C ILE A 392 12.24 -17.87 -24.71
N PRO A 393 12.06 -18.60 -25.83
CA PRO A 393 11.62 -17.93 -27.06
C PRO A 393 10.27 -17.22 -26.87
N TYR A 394 10.01 -16.22 -27.69
CA TYR A 394 8.78 -15.45 -27.60
C TYR A 394 7.56 -16.31 -27.86
N GLU A 395 7.70 -17.26 -28.77
CA GLU A 395 6.57 -18.08 -29.19
C GLU A 395 6.27 -19.15 -28.14
N GLU A 396 7.30 -19.59 -27.44
CA GLU A 396 7.10 -20.54 -26.35
C GLU A 396 6.39 -19.85 -25.19
N ALA A 397 6.64 -18.55 -25.04
CA ALA A 397 5.97 -17.77 -24.00
C ALA A 397 4.47 -17.69 -24.28
N GLN A 398 4.11 -17.28 -25.50
CA GLN A 398 2.72 -17.25 -25.93
C GLN A 398 2.04 -18.58 -25.66
N ALA A 399 2.72 -19.67 -26.03
CA ALA A 399 2.17 -21.01 -25.91
C ALA A 399 1.90 -21.32 -24.45
N PHE A 400 2.77 -20.81 -23.61
CA PHE A 400 2.67 -21.04 -22.18
C PHE A 400 1.51 -20.30 -21.53
N ILE A 401 1.28 -19.08 -22.00
CA ILE A 401 0.12 -18.30 -21.55
C ILE A 401 -1.16 -19.02 -21.93
N GLU A 402 -1.23 -19.51 -23.16
CA GLU A 402 -2.43 -20.20 -23.63
C GLU A 402 -2.65 -21.48 -22.83
N ARG A 403 -1.55 -22.18 -22.55
CA ARG A 403 -1.59 -23.39 -21.72
C ARG A 403 -2.25 -23.13 -20.37
N TYR A 404 -1.93 -22.00 -19.75
CA TYR A 404 -2.57 -21.64 -18.48
C TYR A 404 -4.10 -21.51 -18.60
N PHE A 405 -4.56 -20.81 -19.64
CA PHE A 405 -5.98 -20.54 -19.81
C PHE A 405 -6.76 -21.78 -20.30
N GLN A 406 -6.06 -22.73 -20.90
CA GLN A 406 -6.68 -24.00 -21.26
C GLN A 406 -6.97 -24.81 -19.99
N SER A 407 -6.10 -24.66 -18.99
CA SER A 407 -6.29 -25.36 -17.72
C SER A 407 -7.24 -24.63 -16.79
N PHE A 408 -7.34 -23.32 -16.96
CA PHE A 408 -8.16 -22.49 -16.08
C PHE A 408 -9.06 -21.61 -16.94
N PRO A 409 -9.97 -22.25 -17.70
CA PRO A 409 -10.77 -21.49 -18.66
C PRO A 409 -11.64 -20.44 -18.00
N LYS A 410 -12.11 -20.69 -16.78
CA LYS A 410 -13.01 -19.74 -16.16
C LYS A 410 -12.25 -18.49 -15.68
N VAL A 411 -10.93 -18.57 -15.59
CA VAL A 411 -10.15 -17.37 -15.32
C VAL A 411 -10.14 -16.53 -16.57
N ARG A 412 -9.98 -17.16 -17.73
CA ARG A 412 -10.03 -16.42 -18.99
C ARG A 412 -11.40 -15.75 -19.13
N ALA A 413 -12.42 -16.50 -18.74
CA ALA A 413 -13.81 -16.02 -18.86
C ALA A 413 -14.05 -14.79 -17.98
N TRP A 414 -13.59 -14.89 -16.74
CA TRP A 414 -13.78 -13.81 -15.76
C TRP A 414 -13.06 -12.53 -16.18
N ILE A 415 -11.88 -12.65 -16.75
CA ILE A 415 -11.17 -11.47 -17.22
C ILE A 415 -12.00 -10.76 -18.28
N GLU A 416 -12.44 -11.51 -19.28
CA GLU A 416 -13.25 -10.93 -20.36
C GLU A 416 -14.59 -10.38 -19.86
N LYS A 417 -15.22 -11.08 -18.91
CA LYS A 417 -16.48 -10.65 -18.34
C LYS A 417 -16.30 -9.31 -17.62
N THR A 418 -15.22 -9.23 -16.84
CA THR A 418 -14.92 -8.04 -16.06
C THR A 418 -14.68 -6.85 -17.00
N LEU A 419 -13.91 -7.03 -18.06
CA LEU A 419 -13.75 -5.97 -19.04
C LEU A 419 -15.05 -5.56 -19.71
N GLU A 420 -15.97 -6.52 -19.90
CA GLU A 420 -17.29 -6.18 -20.46
C GLU A 420 -18.13 -5.36 -19.51
N GLU A 421 -18.22 -5.78 -18.25
CA GLU A 421 -18.89 -4.97 -17.23
C GLU A 421 -18.31 -3.55 -17.25
N GLY A 422 -16.97 -3.46 -17.25
CA GLY A 422 -16.29 -2.18 -17.26
C GLY A 422 -16.62 -1.33 -18.46
N ARG A 423 -16.69 -1.96 -19.63
CA ARG A 423 -16.97 -1.23 -20.86
C ARG A 423 -18.42 -0.73 -20.91
N ARG A 424 -19.30 -1.42 -20.20
CA ARG A 424 -20.74 -1.12 -20.20
C ARG A 424 -21.16 -0.15 -19.08
N ARG A 425 -20.61 -0.35 -17.88
CA ARG A 425 -21.03 0.41 -16.71
C ARG A 425 -20.13 1.60 -16.44
N GLY A 426 -18.90 1.56 -16.96
CA GLY A 426 -17.95 2.62 -16.74
C GLY A 426 -17.02 2.38 -15.55
N TYR A 427 -17.35 1.36 -14.75
CA TYR A 427 -16.59 1.03 -13.56
C TYR A 427 -16.50 -0.48 -13.34
N VAL A 428 -15.60 -0.89 -12.44
CA VAL A 428 -15.54 -2.27 -11.98
C VAL A 428 -15.69 -2.26 -10.48
N GLU A 429 -15.96 -3.44 -9.91
CA GLU A 429 -16.19 -3.53 -8.48
C GLU A 429 -15.59 -4.77 -7.88
N THR A 430 -15.31 -4.67 -6.59
CA THR A 430 -14.77 -5.76 -5.80
C THR A 430 -15.89 -6.65 -5.31
N LEU A 431 -15.53 -7.66 -4.55
CA LEU A 431 -16.51 -8.55 -3.98
C LEU A 431 -17.52 -7.78 -3.13
N PHE A 432 -17.04 -6.77 -2.41
CA PHE A 432 -17.86 -6.04 -1.44
C PHE A 432 -18.55 -4.83 -2.05
N GLY A 433 -18.26 -4.57 -3.32
CA GLY A 433 -18.87 -3.45 -4.03
C GLY A 433 -18.07 -2.17 -4.03
N ARG A 434 -16.82 -2.22 -3.58
CA ARG A 434 -15.96 -1.04 -3.72
C ARG A 434 -15.74 -0.85 -5.20
N ARG A 435 -15.76 0.40 -5.65
CA ARG A 435 -15.89 0.73 -7.06
C ARG A 435 -14.72 1.55 -7.60
N ARG A 436 -14.23 1.20 -8.78
CA ARG A 436 -13.24 2.01 -9.50
C ARG A 436 -13.71 2.32 -10.92
N TYR A 437 -13.64 3.58 -11.30
CA TYR A 437 -14.06 4.01 -12.63
C TYR A 437 -12.93 3.82 -13.63
N VAL A 438 -13.27 3.32 -14.82
CA VAL A 438 -12.26 2.94 -15.81
C VAL A 438 -12.65 3.45 -17.20
N PRO A 439 -12.62 4.78 -17.40
CA PRO A 439 -13.14 5.36 -18.63
C PRO A 439 -12.30 5.06 -19.87
N ASP A 440 -11.02 4.76 -19.70
CA ASP A 440 -10.11 4.61 -20.85
C ASP A 440 -10.13 3.21 -21.48
N LEU A 441 -11.06 2.36 -21.05
CA LEU A 441 -11.25 1.08 -21.73
C LEU A 441 -11.67 1.34 -23.17
N GLU A 442 -12.54 2.34 -23.35
CA GLU A 442 -13.00 2.74 -24.67
C GLU A 442 -12.15 3.90 -25.18
N ALA A 443 -10.90 3.58 -25.50
CA ALA A 443 -9.92 4.57 -25.90
C ALA A 443 -9.26 4.18 -27.22
N ARG A 444 -8.68 5.17 -27.89
CA ARG A 444 -8.09 4.97 -29.22
C ARG A 444 -6.66 4.44 -29.12
N VAL A 445 -5.83 5.08 -28.31
CA VAL A 445 -4.43 4.73 -28.21
C VAL A 445 -4.26 3.39 -27.50
N LYS A 446 -3.67 2.43 -28.22
CA LYS A 446 -3.52 1.05 -27.72
C LYS A 446 -2.79 1.01 -26.37
N SER A 447 -1.73 1.80 -26.25
CA SER A 447 -0.96 1.86 -25.00
C SER A 447 -1.84 2.17 -23.80
N VAL A 448 -2.71 3.17 -23.95
CA VAL A 448 -3.52 3.64 -22.84
C VAL A 448 -4.67 2.69 -22.56
N ARG A 449 -5.25 2.11 -23.61
CA ARG A 449 -6.35 1.18 -23.44
C ARG A 449 -5.91 -0.02 -22.62
N GLU A 450 -4.71 -0.53 -22.89
CA GLU A 450 -4.22 -1.73 -22.23
C GLU A 450 -3.94 -1.49 -20.75
N ALA A 451 -3.42 -0.31 -20.41
CA ALA A 451 -3.26 0.08 -19.01
C ALA A 451 -4.61 0.11 -18.30
N ALA A 452 -5.64 0.61 -19.00
CA ALA A 452 -7.00 0.64 -18.46
C ALA A 452 -7.55 -0.77 -18.31
N GLU A 453 -7.28 -1.61 -19.31
CA GLU A 453 -7.70 -3.00 -19.24
C GLU A 453 -7.09 -3.67 -18.01
N ARG A 454 -5.82 -3.41 -17.73
CA ARG A 454 -5.17 -4.03 -16.59
C ARG A 454 -5.75 -3.58 -15.26
N MET A 455 -6.09 -2.30 -15.11
CA MET A 455 -6.71 -1.81 -13.88
C MET A 455 -8.07 -2.46 -13.71
N ALA A 456 -8.81 -2.55 -14.81
CA ALA A 456 -10.15 -3.10 -14.78
C ALA A 456 -10.22 -4.54 -14.22
N PHE A 457 -9.26 -5.41 -14.52
CA PHE A 457 -9.35 -6.77 -13.94
C PHE A 457 -8.41 -6.97 -12.76
N ASN A 458 -7.53 -6.01 -12.49
CA ASN A 458 -6.77 -6.05 -11.22
C ASN A 458 -7.52 -5.47 -10.02
N MET A 459 -8.19 -4.35 -10.22
CA MET A 459 -8.81 -3.65 -9.11
C MET A 459 -9.77 -4.57 -8.35
N PRO A 460 -10.61 -5.38 -9.05
CA PRO A 460 -11.49 -6.26 -8.26
C PRO A 460 -10.77 -7.24 -7.36
N VAL A 461 -9.62 -7.74 -7.79
CA VAL A 461 -8.86 -8.68 -7.00
C VAL A 461 -8.13 -7.98 -5.86
N GLN A 462 -7.41 -6.94 -6.20
CA GLN A 462 -6.60 -6.22 -5.23
C GLN A 462 -7.48 -5.59 -4.16
N GLY A 463 -8.55 -4.91 -4.60
CA GLY A 463 -9.50 -4.32 -3.68
C GLY A 463 -10.24 -5.29 -2.79
N THR A 464 -10.50 -6.51 -3.27
CA THR A 464 -11.12 -7.52 -2.42
C THR A 464 -10.13 -7.96 -1.35
N ALA A 465 -8.89 -8.20 -1.75
CA ALA A 465 -7.84 -8.54 -0.80
C ALA A 465 -7.69 -7.45 0.23
N ALA A 466 -7.73 -6.21 -0.23
CA ALA A 466 -7.59 -5.04 0.63
C ALA A 466 -8.68 -4.99 1.70
N ASP A 467 -9.93 -5.25 1.32
CA ASP A 467 -11.00 -5.08 2.27
C ASP A 467 -11.13 -6.27 3.19
N LEU A 468 -10.69 -7.45 2.77
CA LEU A 468 -10.55 -8.56 3.69
C LEU A 468 -9.60 -8.18 4.85
N MET A 469 -8.47 -7.57 4.52
CA MET A 469 -7.48 -7.17 5.54
C MET A 469 -8.06 -6.11 6.47
N LYS A 470 -8.67 -5.10 5.88
CA LYS A 470 -9.22 -3.98 6.65
C LYS A 470 -10.29 -4.48 7.61
N LEU A 471 -11.13 -5.36 7.10
CA LEU A 471 -12.17 -5.94 7.90
C LEU A 471 -11.59 -6.72 9.07
N ALA A 472 -10.54 -7.47 8.79
CA ALA A 472 -9.85 -8.20 9.83
C ALA A 472 -9.23 -7.24 10.85
N MET A 473 -8.61 -6.16 10.38
CA MET A 473 -8.04 -5.16 11.30
C MET A 473 -9.10 -4.60 12.23
N VAL A 474 -10.25 -4.23 11.66
CA VAL A 474 -11.37 -3.70 12.42
C VAL A 474 -11.84 -4.68 13.49
N LYS A 475 -11.86 -5.96 13.15
CA LYS A 475 -12.35 -7.00 14.07
C LYS A 475 -11.31 -7.35 15.14
N LEU A 476 -10.04 -7.33 14.75
CA LEU A 476 -8.97 -7.70 15.67
C LEU A 476 -8.68 -6.62 16.73
N PHE A 477 -8.78 -5.36 16.35
CA PHE A 477 -8.27 -4.27 17.19
C PHE A 477 -8.81 -4.23 18.61
N PRO A 478 -10.15 -4.27 18.79
CA PRO A 478 -10.69 -4.24 20.16
C PRO A 478 -10.25 -5.41 21.03
N ARG A 479 -9.91 -6.53 20.39
CA ARG A 479 -9.43 -7.71 21.11
C ARG A 479 -7.98 -7.52 21.53
N LEU A 480 -7.20 -6.86 20.68
CA LEU A 480 -5.81 -6.62 21.00
C LEU A 480 -5.68 -5.55 22.07
N GLU A 481 -6.44 -4.46 21.92
CA GLU A 481 -6.43 -3.40 22.90
C GLU A 481 -6.68 -3.91 24.33
N GLU A 482 -7.61 -4.83 24.48
CA GLU A 482 -7.98 -5.29 25.83
C GLU A 482 -6.92 -6.22 26.43
N MET A 483 -6.04 -6.76 25.59
CA MET A 483 -4.93 -7.60 26.07
C MET A 483 -3.67 -6.77 26.39
N GLY A 484 -3.71 -5.49 26.04
CA GLY A 484 -2.53 -4.65 26.14
C GLY A 484 -1.52 -4.91 25.04
N ALA A 485 -2.01 -5.35 23.88
CA ALA A 485 -1.17 -5.50 22.71
C ALA A 485 -1.47 -4.37 21.72
N ARG A 486 -0.59 -4.22 20.74
CA ARG A 486 -0.66 -3.11 19.78
C ARG A 486 -0.63 -3.64 18.36
N MET A 487 -1.28 -2.90 17.47
CA MET A 487 -1.16 -3.08 16.03
C MET A 487 -0.22 -1.98 15.53
N LEU A 488 0.82 -2.34 14.78
CA LEU A 488 1.87 -1.37 14.42
C LEU A 488 1.94 -1.02 12.95
N LEU A 489 1.98 -2.05 12.09
CA LEU A 489 2.20 -1.84 10.67
C LEU A 489 1.29 -2.71 9.82
N GLN A 490 0.98 -2.21 8.64
CA GLN A 490 0.29 -2.98 7.61
C GLN A 490 0.91 -2.61 6.27
N VAL A 491 1.23 -3.62 5.48
CA VAL A 491 1.81 -3.43 4.16
C VAL A 491 1.49 -4.68 3.34
N HIS A 492 1.23 -4.51 2.05
CA HIS A 492 0.89 -5.65 1.19
C HIS A 492 -0.25 -6.44 1.84
N ASP A 493 -0.09 -7.74 2.09
CA ASP A 493 -1.16 -8.51 2.74
C ASP A 493 -0.72 -8.97 4.11
N GLU A 494 0.07 -8.12 4.75
CA GLU A 494 0.72 -8.47 6.01
C GLU A 494 0.37 -7.49 7.12
N LEU A 495 0.26 -7.99 8.33
CA LEU A 495 -0.02 -7.18 9.50
C LEU A 495 1.01 -7.46 10.59
N VAL A 496 1.53 -6.40 11.23
CA VAL A 496 2.49 -6.58 12.30
C VAL A 496 1.99 -6.02 13.63
N LEU A 497 2.00 -6.90 14.64
CA LEU A 497 1.57 -6.59 16.00
C LEU A 497 2.76 -6.52 16.97
N GLU A 498 2.51 -5.94 18.14
CA GLU A 498 3.48 -5.94 19.24
C GLU A 498 2.75 -6.38 20.51
N ALA A 499 3.31 -7.34 21.22
CA ALA A 499 2.74 -7.81 22.47
C ALA A 499 3.85 -8.15 23.46
N PRO A 500 3.56 -8.03 24.77
CA PRO A 500 4.59 -8.48 25.72
C PRO A 500 4.91 -9.96 25.54
N LYS A 501 6.13 -10.34 25.89
CA LYS A 501 6.61 -11.71 25.76
C LYS A 501 5.59 -12.73 26.22
N GLU A 502 4.99 -12.45 27.38
CA GLU A 502 4.13 -13.41 28.06
C GLU A 502 2.82 -13.66 27.31
N ARG A 503 2.35 -12.67 26.56
CA ARG A 503 1.08 -12.78 25.84
C ARG A 503 1.29 -13.00 24.34
N ALA A 504 2.55 -13.07 23.91
CA ALA A 504 2.90 -13.15 22.49
C ALA A 504 2.20 -14.28 21.73
N GLU A 505 2.32 -15.50 22.23
CA GLU A 505 1.80 -16.64 21.48
C GLU A 505 0.27 -16.69 21.55
N ALA A 506 -0.30 -16.19 22.63
CA ALA A 506 -1.75 -16.08 22.73
C ALA A 506 -2.29 -15.06 21.73
N VAL A 507 -1.60 -13.93 21.61
CA VAL A 507 -1.93 -12.89 20.65
C VAL A 507 -1.83 -13.42 19.22
N ALA A 508 -0.78 -14.21 18.97
CA ALA A 508 -0.59 -14.84 17.67
C ALA A 508 -1.78 -15.74 17.32
N ARG A 509 -2.08 -16.69 18.22
CA ARG A 509 -3.25 -17.57 18.07
C ARG A 509 -4.50 -16.78 17.75
N LEU A 510 -4.77 -15.76 18.55
CA LEU A 510 -6.00 -14.99 18.41
C LEU A 510 -6.06 -14.27 17.07
N ALA A 511 -4.96 -13.63 16.69
CA ALA A 511 -4.92 -12.85 15.44
C ALA A 511 -5.05 -13.76 14.21
N LYS A 512 -4.49 -14.95 14.29
CA LYS A 512 -4.55 -15.87 13.17
C LYS A 512 -6.00 -16.33 12.94
N GLU A 513 -6.71 -16.65 14.01
CA GLU A 513 -8.07 -17.16 13.84
C GLU A 513 -9.01 -16.04 13.38
N VAL A 514 -8.87 -14.84 13.91
CA VAL A 514 -9.68 -13.72 13.45
C VAL A 514 -9.44 -13.43 11.96
N MET A 515 -8.17 -13.38 11.55
CA MET A 515 -7.86 -13.12 10.15
C MET A 515 -8.31 -14.23 9.21
N GLU A 516 -8.17 -15.48 9.62
CA GLU A 516 -8.52 -16.60 8.74
C GLU A 516 -10.04 -16.76 8.55
N GLY A 517 -10.81 -16.31 9.55
CA GLY A 517 -12.26 -16.48 9.51
C GLY A 517 -13.02 -15.19 9.28
N VAL A 518 -12.35 -14.18 8.74
CA VAL A 518 -12.95 -12.85 8.65
C VAL A 518 -14.13 -12.85 7.68
N TYR A 519 -14.06 -13.73 6.69
CA TYR A 519 -15.14 -13.83 5.73
C TYR A 519 -15.04 -15.12 4.93
N PRO A 520 -16.19 -15.77 4.65
CA PRO A 520 -16.20 -17.02 3.87
C PRO A 520 -15.90 -16.85 2.39
N LEU A 521 -14.91 -17.57 1.89
CA LEU A 521 -14.64 -17.62 0.46
C LEU A 521 -14.83 -19.03 -0.07
N ALA A 522 -14.61 -19.21 -1.37
CA ALA A 522 -14.74 -20.52 -2.02
C ALA A 522 -13.52 -21.37 -1.67
N VAL A 523 -12.45 -20.70 -1.29
CA VAL A 523 -11.24 -21.33 -0.80
C VAL A 523 -10.94 -20.81 0.60
N PRO A 524 -10.25 -21.59 1.42
CA PRO A 524 -9.96 -21.09 2.76
C PRO A 524 -8.90 -19.98 2.75
N LEU A 525 -8.96 -19.10 3.71
CA LEU A 525 -7.87 -18.13 3.92
C LEU A 525 -6.83 -18.76 4.82
N GLU A 526 -5.57 -18.60 4.43
CA GLU A 526 -4.46 -19.17 5.15
C GLU A 526 -3.56 -18.02 5.62
N VAL A 527 -3.20 -18.04 6.90
CA VAL A 527 -2.38 -16.98 7.49
C VAL A 527 -1.07 -17.57 7.99
N GLU A 528 0.03 -17.06 7.45
CA GLU A 528 1.35 -17.44 7.93
C GLU A 528 1.68 -16.53 9.11
N VAL A 529 2.14 -17.13 10.21
CA VAL A 529 2.36 -16.37 11.44
C VAL A 529 3.73 -16.67 12.05
N GLY A 530 4.38 -15.62 12.53
CA GLY A 530 5.67 -15.76 13.19
C GLY A 530 5.84 -14.73 14.29
N ILE A 531 6.79 -15.01 15.18
CA ILE A 531 7.00 -14.21 16.37
C ILE A 531 8.50 -13.96 16.49
N GLY A 532 8.91 -12.74 16.81
CA GLY A 532 10.33 -12.44 16.88
C GLY A 532 10.64 -11.06 17.45
N GLU A 533 11.91 -10.83 17.77
CA GLU A 533 12.32 -9.56 18.35
C GLU A 533 12.44 -8.45 17.30
N ASP A 534 12.61 -8.85 16.04
CA ASP A 534 12.57 -7.91 14.93
C ASP A 534 11.64 -8.44 13.86
N TRP A 535 11.29 -7.58 12.91
CA TRP A 535 10.30 -7.89 11.89
C TRP A 535 10.80 -9.01 10.98
N LEU A 536 12.07 -8.95 10.59
CA LEU A 536 12.65 -9.99 9.75
C LEU A 536 12.60 -11.35 10.44
N SER A 537 12.95 -11.39 11.72
CA SER A 537 12.93 -12.66 12.44
C SER A 537 11.49 -13.15 12.69
N ALA A 538 10.52 -12.24 12.68
CA ALA A 538 9.12 -12.63 12.89
C ALA A 538 8.44 -13.12 11.63
N LYS A 539 8.98 -12.78 10.46
CA LYS A 539 8.37 -13.25 9.21
C LYS A 539 8.99 -14.60 8.85
N GLU A 540 8.60 -15.60 9.65
CA GLU A 540 8.96 -17.01 9.49
C GLU A 540 8.85 -17.71 10.85
P LHO B 11 5.22 -6.88 -5.12
C1 LHO B 11 0.61 -4.89 -7.71
N1 LHO B 11 -0.15 -4.31 -6.73
S1 LHO B 11 -2.24 -2.94 -5.82
C2 LHO B 11 0.27 -4.78 -8.99
C3 LHO B 11 -0.91 -4.08 -9.40
C4 LHO B 11 -1.72 -3.48 -8.42
C5 LHO B 11 -1.32 -3.61 -7.03
C6 LHO B 11 -1.24 -3.94 -10.75
C7 LHO B 11 -2.35 -3.21 -11.15
C8 LHO B 11 -3.15 -2.63 -10.18
C9 LHO B 11 -2.85 -2.77 -8.83
C1' LHO B 11 0.27 -4.39 -5.31
C10 LHO B 11 -2.67 -3.04 -12.62
OP2 LHO B 11 6.10 -7.10 -6.31
C2' LHO B 11 -0.35 -5.56 -4.55
C3' LHO B 11 0.71 -5.83 -3.51
O3' LHO B 11 0.62 -4.88 -2.44
C4' LHO B 11 2.00 -5.61 -4.29
O4' LHO B 11 1.68 -4.60 -5.28
C5' LHO B 11 2.50 -6.85 -5.00
O5' LHO B 11 3.75 -6.55 -5.66
H1 LHO B 11 1.50 -5.44 -7.42
H2 LHO B 11 0.89 -5.24 -9.77
H6 LHO B 11 -0.61 -4.41 -11.50
H8 LHO B 11 -4.04 -2.07 -10.47
H9 LHO B 11 -3.50 -2.31 -8.09
H1' LHO B 11 0.12 -3.43 -4.83
H110 LHO B 11 -3.40 -2.25 -12.75
H210 LHO B 11 -3.09 -3.95 -13.05
H310 LHO B 11 -1.80 -2.78 -13.21
H12' LHO B 11 -0.52 -6.40 -5.21
H22' LHO B 11 -1.34 -5.33 -4.13
H3' LHO B 11 0.64 -6.84 -3.09
H4' LHO B 11 2.78 -5.19 -3.67
H15' LHO B 11 1.77 -7.21 -5.71
H25' LHO B 11 2.72 -7.65 -4.28
OP1 LHO B 11 5.22 -7.95 -4.13
HO3' LHO B 11 1.26 -4.16 -2.66
C1 BMN C 4 -0.56 0.21 -10.82
P BMN C 4 1.39 -0.85 -16.27
C2 BMN C 4 0.58 -0.49 -11.01
C3 BMN C 4 1.26 -1.05 -9.91
C4 BMN C 4 0.75 -0.86 -8.61
C5 BMN C 4 -0.45 -0.10 -8.46
C6 BMN C 4 -1.09 0.43 -9.54
C1' BMN C 4 -1.30 0.75 -12.02
C2' BMN C 4 -0.70 1.96 -12.72
C20 BMN C 4 1.43 -1.39 -7.50
O3' BMN C 4 -2.62 2.65 -14.02
C21 BMN C 4 2.59 -2.08 -7.69
C22 BMN C 4 3.12 -2.28 -8.95
C23 BMN C 4 2.47 -1.78 -10.05
C3' BMN C 4 -1.39 1.93 -14.08
O37 BMN C 4 -2.22 1.19 -9.50
C38 BMN C 4 -2.80 1.43 -8.22
C4' BMN C 4 -1.72 0.45 -14.29
O4' BMN C 4 -1.32 -0.23 -13.07
C5' BMN C 4 -1.06 -0.22 -15.47
O5' BMN C 4 0.37 -0.07 -15.34
H2 BMN C 4 0.99 -0.65 -12.02
H5 BMN C 4 -0.83 0.03 -7.44
H1' BMN C 4 -2.35 0.93 -11.76
H2' BMN C 4 0.39 1.90 -12.77
H2'A BMN C 4 -0.91 2.88 -12.19
H20 BMN C 4 1.03 -1.25 -6.50
H21 BMN C 4 3.13 -2.49 -6.83
H22 BMN C 4 4.06 -2.83 -9.07
H23 BMN C 4 2.88 -1.94 -11.04
H3' BMN C 4 -0.78 2.33 -14.88
H38 BMN C 4 -3.58 2.16 -8.45
H38A BMN C 4 -2.11 1.87 -7.52
H38B BMN C 4 -3.27 0.54 -7.78
H4' BMN C 4 -2.80 0.28 -14.33
OP1 BMN C 4 0.82 -0.70 -17.69
H5' BMN C 4 -1.39 0.21 -16.40
OP2 BMN C 4 2.81 -0.41 -16.12
H5'A BMN C 4 -1.26 -1.29 -15.49
S SO4 D . -24.95 6.07 11.21
O1 SO4 D . -24.41 4.71 11.13
O2 SO4 D . -26.13 6.05 12.07
O3 SO4 D . -23.96 6.98 11.78
O4 SO4 D . -25.32 6.53 9.88
S SO4 E . 2.65 -9.41 -25.87
O1 SO4 E . 2.22 -10.33 -26.92
O2 SO4 E . 1.85 -8.18 -25.95
O3 SO4 E . 2.41 -10.03 -24.58
O4 SO4 E . 4.07 -9.11 -26.00
S SO4 F . -19.98 14.51 -10.16
O1 SO4 F . -21.15 14.98 -9.41
O2 SO4 F . -18.80 15.27 -9.74
O3 SO4 F . -19.77 13.09 -9.87
O4 SO4 F . -20.20 14.70 -11.58
C1 PGE G . 10.19 -19.48 -3.93
O1 PGE G . 10.80 -20.28 -4.94
C2 PGE G . 9.33 -20.39 -3.06
O2 PGE G . 7.96 -20.25 -3.40
C3 PGE G . 7.18 -19.76 -2.33
C4 PGE G . 5.70 -19.99 -2.60
O4 PGE G . 3.69 -16.85 -3.95
C6 PGE G . 3.50 -17.56 -2.75
C5 PGE G . 4.85 -17.81 -2.12
O3 PGE G . 4.92 -19.18 -1.74
H1 PGE G . 10.94 -18.99 -3.28
H12 PGE G . 9.55 -18.69 -4.35
HO1 PGE G . 10.11 -20.76 -5.39
H2 PGE G . 9.51 -20.15 -2.01
H22 PGE G . 9.66 -21.44 -3.21
H3 PGE G . 7.35 -18.68 -2.18
H32 PGE G . 7.44 -20.26 -1.38
H4 PGE G . 5.47 -21.05 -2.46
H42 PGE G . 5.49 -19.74 -3.66
HO4 PGE G . 3.70 -15.90 -3.75
H6 PGE G . 2.89 -16.99 -2.02
H62 PGE G . 3.01 -18.53 -2.91
H5 PGE G . 5.63 -17.58 -2.86
H52 PGE G . 4.99 -17.15 -1.26
S SO4 H . 14.66 20.74 -2.45
O1 SO4 H . 15.30 19.45 -2.72
O2 SO4 H . 13.34 20.77 -3.09
O3 SO4 H . 14.49 20.93 -1.02
O4 SO4 H . 15.49 21.82 -3.00
S SO4 I . 7.27 14.25 -7.42
O1 SO4 I . 6.64 13.01 -7.88
O2 SO4 I . 6.28 15.03 -6.67
O3 SO4 I . 8.43 14.01 -6.54
O4 SO4 I . 7.70 15.01 -8.60
#